data_8V3E
#
_entry.id   8V3E
#
_cell.length_a   93.206
_cell.length_b   93.206
_cell.length_c   235.549
_cell.angle_alpha   90.000
_cell.angle_beta   90.000
_cell.angle_gamma   120.000
#
_symmetry.space_group_name_H-M   'H 3 2'
#
loop_
_entity.id
_entity.type
_entity.pdbx_description
1 polymer Tad2
2 water water
#
_entity_poly.entity_id   1
_entity_poly.type   'polypeptide(L)'
_entity_poly.pdbx_seq_one_letter_code
;MDSLNFGKALEALKEGKKVSREGWNGKGMFAYYVPGGVYKSQTDVIKNTFGEEVKYRPYLALKTVDNDIATWTPSVSDIL
AEDWNIVE
;
_entity_poly.pdbx_strand_id   E,F,A,B
#
# COMPACT_ATOMS: atom_id res chain seq x y z
N SER A 3 5.17 11.33 21.08
CA SER A 3 5.57 11.19 19.68
C SER A 3 6.54 10.02 19.50
N LEU A 4 6.01 8.92 18.95
CA LEU A 4 6.78 7.69 18.77
C LEU A 4 7.17 7.52 17.31
N ASN A 5 8.21 6.71 17.09
CA ASN A 5 8.55 6.32 15.73
C ASN A 5 7.63 5.17 15.29
N PHE A 6 7.77 4.76 14.03
CA PHE A 6 6.87 3.74 13.50
C PHE A 6 7.15 2.36 14.09
N GLY A 7 8.38 2.12 14.55
CA GLY A 7 8.70 0.82 15.14
C GLY A 7 7.89 0.54 16.39
N LYS A 8 7.74 1.54 17.26
CA LYS A 8 6.95 1.36 18.47
C LYS A 8 5.46 1.44 18.17
N ALA A 9 5.05 2.21 17.16
CA ALA A 9 3.66 2.20 16.74
C ALA A 9 3.28 0.87 16.15
N LEU A 10 4.22 0.21 15.47
CA LEU A 10 3.97 -1.13 14.93
C LEU A 10 3.80 -2.15 16.04
N GLU A 11 4.64 -2.08 17.08
CA GLU A 11 4.48 -2.97 18.22
C GLU A 11 3.13 -2.76 18.91
N ALA A 12 2.69 -1.50 18.98
CA ALA A 12 1.36 -1.24 19.52
C ALA A 12 0.27 -1.83 18.64
N LEU A 13 0.46 -1.76 17.33
CA LEU A 13 -0.49 -2.38 16.40
C LEU A 13 -0.57 -3.88 16.62
N LYS A 14 0.59 -4.55 16.65
CA LYS A 14 0.60 -5.99 16.86
C LYS A 14 0.02 -6.39 18.21
N GLU A 15 0.02 -5.48 19.19
CA GLU A 15 -0.59 -5.74 20.48
C GLU A 15 -2.07 -5.40 20.52
N GLY A 16 -2.64 -4.94 19.40
CA GLY A 16 -4.06 -4.64 19.33
C GLY A 16 -4.42 -3.19 19.58
N LYS A 17 -3.44 -2.31 19.76
CA LYS A 17 -3.73 -0.91 20.03
C LYS A 17 -3.97 -0.15 18.73
N LYS A 18 -4.50 1.06 18.87
CA LYS A 18 -4.74 1.96 17.75
C LYS A 18 -3.69 3.07 17.77
N VAL A 19 -3.25 3.47 16.57
CA VAL A 19 -2.20 4.47 16.44
C VAL A 19 -2.64 5.53 15.43
N SER A 20 -2.05 6.71 15.57
CA SER A 20 -2.35 7.82 14.69
C SER A 20 -1.14 8.74 14.62
N ARG A 21 -1.12 9.59 13.60
CA ARG A 21 -0.06 10.57 13.40
C ARG A 21 -0.60 11.98 13.60
N GLU A 22 0.23 12.83 14.20
CA GLU A 22 -0.16 14.23 14.35
C GLU A 22 -0.12 14.97 13.01
N GLY A 23 0.80 14.58 12.13
CA GLY A 23 0.95 15.18 10.81
C GLY A 23 -0.13 14.87 9.81
N TRP A 24 -1.04 13.96 10.12
CA TRP A 24 -2.15 13.66 9.21
C TRP A 24 -3.10 14.84 9.13
N ASN A 25 -3.48 15.21 7.91
CA ASN A 25 -4.40 16.32 7.73
C ASN A 25 -5.82 15.93 8.14
N GLY A 26 -6.26 14.73 7.75
CA GLY A 26 -7.51 14.22 8.25
C GLY A 26 -7.39 13.90 9.73
N LYS A 27 -8.30 14.46 10.54
CA LYS A 27 -8.26 14.30 11.98
C LYS A 27 -9.23 13.22 12.43
N GLY A 28 -8.93 12.61 13.57
CA GLY A 28 -9.76 11.56 14.12
C GLY A 28 -9.53 10.19 13.54
N MET A 29 -8.49 10.01 12.72
CA MET A 29 -8.21 8.72 12.11
C MET A 29 -7.26 7.91 12.97
N PHE A 30 -7.38 6.59 12.87
CA PHE A 30 -6.44 5.69 13.52
C PHE A 30 -6.31 4.43 12.69
N ALA A 31 -5.18 3.75 12.85
CA ALA A 31 -4.92 2.48 12.20
C ALA A 31 -4.93 1.37 13.26
N TYR A 32 -5.38 0.19 12.85
CA TYR A 32 -5.41 -0.95 13.77
C TYR A 32 -5.11 -2.23 12.99
N TYR A 33 -4.77 -3.26 13.76
CA TYR A 33 -4.29 -4.52 13.22
C TYR A 33 -5.44 -5.54 13.19
N VAL A 34 -5.64 -6.15 12.04
CA VAL A 34 -6.65 -7.19 11.86
C VAL A 34 -5.94 -8.52 11.76
N PRO A 35 -6.20 -9.47 12.67
CA PRO A 35 -5.51 -10.76 12.61
C PRO A 35 -5.96 -11.60 11.44
N GLY A 36 -5.12 -12.56 11.07
CA GLY A 36 -5.47 -13.52 10.05
C GLY A 36 -6.42 -14.59 10.55
N GLY A 37 -6.96 -15.36 9.61
CA GLY A 37 -7.92 -16.39 9.97
C GLY A 37 -8.06 -17.43 8.87
N VAL A 38 -8.65 -18.55 9.26
CA VAL A 38 -8.95 -19.66 8.36
C VAL A 38 -10.44 -19.95 8.45
N TYR A 39 -11.10 -20.09 7.31
CA TYR A 39 -12.54 -20.21 7.26
C TYR A 39 -12.94 -21.28 6.27
N LYS A 40 -14.18 -21.75 6.41
CA LYS A 40 -14.71 -22.84 5.58
C LYS A 40 -15.28 -22.29 4.27
N SER A 41 -14.95 -22.96 3.17
CA SER A 41 -15.54 -22.62 1.89
C SER A 41 -17.02 -23.03 1.88
N GLN A 42 -17.82 -22.28 1.12
CA GLN A 42 -19.26 -22.45 1.12
C GLN A 42 -19.82 -22.92 -0.22
N THR A 43 -18.99 -23.09 -1.24
CA THR A 43 -19.47 -23.46 -2.56
C THR A 43 -18.40 -24.27 -3.28
N ASP A 44 -18.80 -24.91 -4.38
CA ASP A 44 -17.87 -25.70 -5.17
C ASP A 44 -16.92 -24.80 -5.96
N VAL A 45 -17.40 -23.65 -6.42
CA VAL A 45 -16.58 -22.73 -7.20
C VAL A 45 -15.36 -22.31 -6.41
N ILE A 46 -15.54 -22.05 -5.12
CA ILE A 46 -14.40 -21.66 -4.28
C ILE A 46 -13.50 -22.85 -4.01
N LYS A 47 -14.09 -24.02 -3.71
CA LYS A 47 -13.29 -25.20 -3.43
C LYS A 47 -12.50 -25.67 -4.65
N ASN A 48 -13.06 -25.48 -5.84
CA ASN A 48 -12.37 -25.84 -7.08
C ASN A 48 -11.36 -24.78 -7.52
N THR A 49 -11.28 -23.66 -6.83
CA THR A 49 -10.27 -22.64 -7.05
C THR A 49 -9.33 -22.47 -5.88
N PHE A 50 -9.84 -22.56 -4.64
CA PHE A 50 -9.01 -22.48 -3.45
C PHE A 50 -8.86 -23.86 -2.80
N GLY A 51 -9.94 -24.43 -2.29
CA GLY A 51 -9.94 -25.68 -1.58
C GLY A 51 -10.97 -25.65 -0.47
N GLU A 52 -10.78 -26.52 0.51
CA GLU A 52 -11.70 -26.54 1.66
C GLU A 52 -11.52 -25.30 2.52
N GLU A 53 -10.30 -25.07 2.99
CA GLU A 53 -10.01 -23.98 3.91
C GLU A 53 -9.28 -22.84 3.18
N VAL A 54 -9.72 -21.62 3.45
CA VAL A 54 -9.08 -20.42 2.94
C VAL A 54 -8.43 -19.70 4.12
N LYS A 55 -7.10 -19.60 4.07
CA LYS A 55 -6.37 -18.85 5.09
C LYS A 55 -6.28 -17.40 4.64
N TYR A 56 -6.56 -16.47 5.56
CA TYR A 56 -6.48 -15.06 5.29
C TYR A 56 -5.29 -14.47 6.04
N ARG A 57 -4.50 -13.67 5.34
CA ARG A 57 -3.36 -13.03 5.96
C ARG A 57 -3.82 -11.84 6.81
N PRO A 58 -3.08 -11.51 7.87
CA PRO A 58 -3.37 -10.29 8.62
C PRO A 58 -3.07 -9.06 7.79
N TYR A 59 -3.71 -7.95 8.16
CA TYR A 59 -3.55 -6.70 7.42
C TYR A 59 -3.85 -5.54 8.36
N LEU A 60 -3.70 -4.33 7.83
CA LEU A 60 -3.89 -3.11 8.60
C LEU A 60 -5.07 -2.33 8.03
N ALA A 61 -5.93 -1.86 8.92
CA ALA A 61 -7.10 -1.07 8.54
C ALA A 61 -6.98 0.34 9.09
N LEU A 62 -7.73 1.25 8.50
CA LEU A 62 -7.72 2.66 8.88
C LEU A 62 -9.15 3.15 9.00
N LYS A 63 -9.52 3.67 10.17
CA LYS A 63 -10.80 4.33 10.34
C LYS A 63 -10.67 5.76 9.83
N THR A 64 -11.34 6.05 8.71
CA THR A 64 -11.19 7.33 8.04
C THR A 64 -12.00 8.42 8.74
N VAL A 65 -11.96 9.63 8.18
CA VAL A 65 -12.72 10.74 8.74
C VAL A 65 -14.22 10.55 8.51
N ASP A 66 -14.61 9.73 7.55
CA ASP A 66 -16.01 9.45 7.27
C ASP A 66 -16.59 8.37 8.16
N ASN A 67 -15.87 7.96 9.21
CA ASN A 67 -16.23 6.79 10.02
C ASN A 67 -16.31 5.54 9.14
N ASP A 68 -15.44 5.46 8.14
CA ASP A 68 -15.33 4.32 7.23
C ASP A 68 -14.07 3.53 7.53
N ILE A 69 -14.11 2.25 7.16
CA ILE A 69 -12.98 1.35 7.31
C ILE A 69 -12.39 1.08 5.94
N ALA A 70 -11.13 1.44 5.76
CA ALA A 70 -10.42 1.23 4.51
C ALA A 70 -9.16 0.40 4.76
N THR A 71 -8.80 -0.41 3.77
CA THR A 71 -7.53 -1.13 3.82
C THR A 71 -6.39 -0.12 3.72
N TRP A 72 -5.39 -0.26 4.60
CA TRP A 72 -4.37 0.76 4.76
C TRP A 72 -2.98 0.16 4.53
N THR A 73 -2.18 0.85 3.73
CA THR A 73 -0.76 0.58 3.60
C THR A 73 0.00 1.86 3.93
N PRO A 74 0.89 1.86 4.91
CA PRO A 74 1.57 3.10 5.29
C PRO A 74 2.42 3.65 4.16
N SER A 75 2.45 4.97 4.05
CA SER A 75 3.32 5.62 3.09
C SER A 75 4.75 5.65 3.63
N VAL A 76 5.68 6.04 2.75
CA VAL A 76 7.07 6.17 3.18
C VAL A 76 7.21 7.25 4.24
N SER A 77 6.47 8.35 4.09
CA SER A 77 6.48 9.40 5.10
C SER A 77 5.96 8.89 6.43
N ASP A 78 4.93 8.05 6.41
CA ASP A 78 4.41 7.47 7.65
C ASP A 78 5.46 6.62 8.34
N ILE A 79 6.19 5.81 7.57
CA ILE A 79 7.18 4.91 8.15
C ILE A 79 8.35 5.69 8.74
N LEU A 80 8.78 6.77 8.07
CA LEU A 80 9.89 7.56 8.56
C LEU A 80 9.49 8.57 9.62
N ALA A 81 8.19 8.82 9.80
CA ALA A 81 7.75 9.83 10.74
C ALA A 81 7.98 9.37 12.18
N GLU A 82 8.09 10.36 13.07
CA GLU A 82 8.26 10.11 14.50
C GLU A 82 7.25 10.92 15.30
N ASP A 83 6.02 11.01 14.79
CA ASP A 83 4.95 11.73 15.46
C ASP A 83 3.75 10.83 15.75
N TRP A 84 4.00 9.54 15.94
CA TRP A 84 2.93 8.60 16.28
C TRP A 84 2.60 8.66 17.76
N ASN A 85 1.36 8.34 18.08
CA ASN A 85 0.92 8.18 19.46
C ASN A 85 -0.12 7.06 19.50
N ILE A 86 -0.28 6.48 20.68
CA ILE A 86 -1.35 5.50 20.90
C ILE A 86 -2.62 6.25 21.27
N VAL A 87 -3.72 5.95 20.59
CA VAL A 87 -5.01 6.54 20.87
C VAL A 87 -5.84 5.54 21.66
N GLU A 88 -6.50 6.02 22.71
CA GLU A 88 -7.29 5.15 23.58
C GLU A 88 -8.71 4.99 23.06
N SER B 3 17.16 -12.48 12.67
CA SER B 3 15.74 -12.31 12.37
C SER B 3 15.16 -11.11 13.12
N LEU B 4 15.12 -9.96 12.47
CA LEU B 4 14.64 -8.73 13.07
C LEU B 4 13.26 -8.38 12.53
N ASN B 5 12.48 -7.67 13.34
CA ASN B 5 11.23 -7.12 12.86
C ASN B 5 11.50 -5.82 12.10
N PHE B 6 10.45 -5.21 11.57
CA PHE B 6 10.64 -4.01 10.75
C PHE B 6 11.09 -2.82 11.58
N GLY B 7 10.77 -2.81 12.88
CA GLY B 7 11.17 -1.69 13.72
C GLY B 7 12.68 -1.56 13.85
N LYS B 8 13.38 -2.69 13.95
CA LYS B 8 14.84 -2.66 14.03
C LYS B 8 15.47 -2.52 12.65
N ALA B 9 14.83 -3.03 11.61
CA ALA B 9 15.30 -2.78 10.25
C ALA B 9 15.18 -1.31 9.88
N LEU B 10 14.12 -0.65 10.35
CA LEU B 10 13.96 0.77 10.09
C LEU B 10 15.05 1.57 10.80
N GLU B 11 15.39 1.19 12.03
CA GLU B 11 16.47 1.88 12.74
C GLU B 11 17.81 1.68 12.03
N ALA B 12 18.03 0.50 11.47
CA ALA B 12 19.23 0.28 10.67
C ALA B 12 19.21 1.13 9.42
N LEU B 13 18.04 1.28 8.80
CA LEU B 13 17.90 2.16 7.63
C LEU B 13 18.24 3.60 7.99
N LYS B 14 17.63 4.11 9.07
CA LYS B 14 17.90 5.48 9.49
C LYS B 14 19.36 5.69 9.88
N GLU B 15 20.08 4.63 10.24
CA GLU B 15 21.49 4.72 10.59
C GLU B 15 22.40 4.46 9.39
N GLY B 16 21.85 4.41 8.19
CA GLY B 16 22.65 4.29 6.98
C GLY B 16 23.02 2.88 6.57
N LYS B 17 22.39 1.87 7.15
CA LYS B 17 22.71 0.48 6.84
C LYS B 17 21.77 -0.07 5.77
N LYS B 18 22.19 -1.18 5.18
CA LYS B 18 21.35 -1.91 4.21
C LYS B 18 20.59 -3.01 4.94
N VAL B 19 19.34 -3.24 4.51
CA VAL B 19 18.51 -4.28 5.09
C VAL B 19 17.87 -5.08 3.96
N SER B 20 17.46 -6.30 4.30
CA SER B 20 16.77 -7.17 3.36
C SER B 20 15.95 -8.18 4.15
N ARG B 21 15.07 -8.88 3.44
CA ARG B 21 14.23 -9.92 4.00
C ARG B 21 14.69 -11.29 3.54
N GLU B 22 14.45 -12.30 4.37
CA GLU B 22 14.58 -13.69 3.93
C GLU B 22 13.44 -14.10 3.03
N GLY B 23 12.23 -13.72 3.39
CA GLY B 23 11.06 -14.05 2.60
C GLY B 23 11.07 -13.45 1.22
N TRP B 24 11.92 -12.43 0.98
CA TRP B 24 12.09 -11.91 -0.37
C TRP B 24 12.57 -13.01 -1.31
N ASN B 25 13.34 -13.97 -0.80
CA ASN B 25 13.84 -15.10 -1.58
C ASN B 25 14.63 -14.62 -2.80
N GLY B 26 15.40 -13.56 -2.62
CA GLY B 26 16.22 -13.01 -3.68
C GLY B 26 17.56 -12.51 -3.18
N LYS B 27 18.63 -13.19 -3.58
CA LYS B 27 19.96 -12.81 -3.14
C LYS B 27 20.42 -11.54 -3.85
N GLY B 28 20.98 -10.62 -3.08
CA GLY B 28 21.46 -9.35 -3.59
C GLY B 28 20.51 -8.19 -3.39
N MET B 29 19.22 -8.46 -3.22
CA MET B 29 18.24 -7.41 -3.03
C MET B 29 18.41 -6.77 -1.65
N PHE B 30 18.50 -5.45 -1.62
CA PHE B 30 18.57 -4.74 -0.35
C PHE B 30 17.94 -3.36 -0.51
N ALA B 31 17.53 -2.79 0.63
CA ALA B 31 16.96 -1.46 0.68
C ALA B 31 17.86 -0.54 1.51
N TYR B 32 17.78 0.76 1.22
CA TYR B 32 18.58 1.73 1.95
C TYR B 32 17.85 3.06 2.00
N TYR B 33 18.35 3.93 2.87
CA TYR B 33 17.71 5.20 3.20
C TYR B 33 18.37 6.35 2.44
N VAL B 34 17.57 7.19 1.82
CA VAL B 34 18.05 8.36 1.09
C VAL B 34 17.61 9.60 1.86
N PRO B 35 18.54 10.44 2.32
CA PRO B 35 18.14 11.64 3.07
C PRO B 35 17.44 12.65 2.18
N GLY B 36 16.61 13.48 2.81
CA GLY B 36 15.96 14.57 2.11
C GLY B 36 16.93 15.71 1.84
N GLY B 37 16.44 16.68 1.09
CA GLY B 37 17.26 17.82 0.75
C GLY B 37 16.54 18.79 -0.17
N VAL B 38 17.32 19.67 -0.79
CA VAL B 38 16.78 20.68 -1.69
C VAL B 38 17.38 20.52 -3.08
N GLU B 52 10.65 27.92 -7.66
CA GLU B 52 12.03 28.34 -7.46
C GLU B 52 12.90 27.15 -7.07
N GLU B 53 12.96 26.85 -5.78
CA GLU B 53 13.66 25.68 -5.28
C GLU B 53 12.67 24.70 -4.67
N VAL B 54 12.95 23.42 -4.83
CA VAL B 54 12.04 22.35 -4.45
C VAL B 54 12.70 21.52 -3.35
N LYS B 55 11.98 21.33 -2.26
CA LYS B 55 12.42 20.49 -1.15
C LYS B 55 11.79 19.11 -1.28
N TYR B 56 12.60 18.08 -1.20
CA TYR B 56 12.13 16.70 -1.28
C TYR B 56 12.37 16.00 0.07
N ARG B 57 11.41 15.18 0.46
CA ARG B 57 11.48 14.46 1.72
C ARG B 57 12.46 13.30 1.63
N PRO B 58 12.94 12.81 2.77
CA PRO B 58 13.69 11.55 2.76
C PRO B 58 12.79 10.40 2.36
N TYR B 59 13.38 9.41 1.69
CA TYR B 59 12.61 8.28 1.17
C TYR B 59 13.48 7.03 1.25
N LEU B 60 12.95 5.93 0.72
CA LEU B 60 13.62 4.64 0.71
C LEU B 60 13.85 4.19 -0.73
N ALA B 61 14.99 3.55 -0.96
CA ALA B 61 15.35 3.00 -2.25
C ALA B 61 15.60 1.50 -2.11
N LEU B 62 15.40 0.78 -3.21
CA LEU B 62 15.55 -0.67 -3.23
C LEU B 62 16.35 -1.09 -4.45
N LYS B 63 17.47 -1.75 -4.22
CA LYS B 63 18.22 -2.40 -5.29
C LYS B 63 17.53 -3.71 -5.63
N THR B 64 16.90 -3.77 -6.79
CA THR B 64 15.98 -4.86 -7.12
C THR B 64 16.75 -6.08 -7.65
N VAL B 65 16.02 -7.00 -8.26
CA VAL B 65 16.62 -8.24 -8.75
C VAL B 65 17.39 -8.05 -10.05
N ASP B 66 17.14 -6.96 -10.78
CA ASP B 66 17.78 -6.72 -12.06
C ASP B 66 18.78 -5.56 -12.00
N ASN B 67 19.37 -5.32 -10.84
CA ASN B 67 20.39 -4.31 -10.61
C ASN B 67 19.88 -2.89 -10.85
N ASP B 68 18.57 -2.70 -10.96
CA ASP B 68 17.97 -1.38 -11.10
C ASP B 68 17.46 -0.90 -9.74
N ILE B 69 17.47 0.42 -9.56
CA ILE B 69 17.08 1.05 -8.29
C ILE B 69 15.68 1.60 -8.45
N ALA B 70 14.82 1.30 -7.49
CA ALA B 70 13.45 1.80 -7.46
C ALA B 70 13.19 2.54 -6.15
N THR B 71 12.33 3.54 -6.21
CA THR B 71 11.84 4.20 -5.00
C THR B 71 10.78 3.31 -4.38
N TRP B 72 11.08 2.76 -3.21
CA TRP B 72 10.34 1.63 -2.66
C TRP B 72 9.52 2.05 -1.45
N THR B 73 8.31 1.50 -1.37
CA THR B 73 7.47 1.62 -0.19
C THR B 73 7.20 0.21 0.33
N PRO B 74 7.51 -0.09 1.58
CA PRO B 74 7.30 -1.45 2.08
C PRO B 74 5.83 -1.84 2.06
N SER B 75 5.58 -3.07 1.61
CA SER B 75 4.24 -3.61 1.68
C SER B 75 3.89 -3.97 3.13
N VAL B 76 2.61 -4.26 3.35
CA VAL B 76 2.15 -4.61 4.70
C VAL B 76 2.81 -5.92 5.15
N SER B 77 3.02 -6.84 4.21
CA SER B 77 3.70 -8.10 4.55
C SER B 77 5.14 -7.84 4.98
N ASP B 78 5.82 -6.90 4.32
CA ASP B 78 7.18 -6.55 4.74
C ASP B 78 7.19 -5.92 6.12
N ILE B 79 6.21 -5.06 6.40
CA ILE B 79 6.15 -4.39 7.69
C ILE B 79 5.84 -5.38 8.81
N LEU B 80 4.99 -6.37 8.53
CA LEU B 80 4.62 -7.35 9.54
C LEU B 80 5.64 -8.48 9.66
N ALA B 81 6.48 -8.67 8.65
CA ALA B 81 7.45 -9.77 8.67
C ALA B 81 8.52 -9.52 9.73
N GLU B 82 9.05 -10.60 10.27
CA GLU B 82 10.10 -10.56 11.28
C GLU B 82 11.32 -11.35 10.83
N ASP B 83 11.64 -11.28 9.54
CA ASP B 83 12.77 -12.00 8.95
C ASP B 83 13.79 -11.04 8.34
N TRP B 84 13.88 -9.82 8.86
CA TRP B 84 14.80 -8.82 8.34
C TRP B 84 16.23 -9.07 8.84
N ASN B 85 17.20 -8.72 8.00
CA ASN B 85 18.60 -8.75 8.41
C ASN B 85 19.28 -7.48 7.92
N ILE B 86 20.40 -7.15 8.56
CA ILE B 86 21.29 -6.09 8.11
C ILE B 86 22.25 -6.68 7.09
N VAL B 87 22.34 -6.06 5.93
CA VAL B 87 23.19 -6.52 4.83
C VAL B 87 24.52 -5.79 4.91
N GLU B 88 25.61 -6.54 5.03
CA GLU B 88 26.94 -5.94 5.06
C GLU B 88 27.54 -5.90 3.66
N SER C 3 -1.65 -8.06 -23.61
CA SER C 3 -1.42 -7.55 -22.26
C SER C 3 -2.06 -6.18 -22.07
N LEU C 4 -2.65 -5.98 -20.89
CA LEU C 4 -3.42 -4.79 -20.57
C LEU C 4 -2.67 -3.93 -19.56
N ASN C 5 -3.01 -2.65 -19.54
CA ASN C 5 -2.51 -1.76 -18.50
C ASN C 5 -3.38 -1.89 -17.25
N PHE C 6 -2.99 -1.19 -16.18
CA PHE C 6 -3.71 -1.33 -14.92
C PHE C 6 -5.10 -0.71 -14.98
N GLY C 7 -5.30 0.28 -15.85
CA GLY C 7 -6.62 0.88 -15.99
C GLY C 7 -7.65 -0.10 -16.50
N LYS C 8 -7.29 -0.90 -17.51
CA LYS C 8 -8.19 -1.92 -18.01
C LYS C 8 -8.31 -3.08 -17.03
N ALA C 9 -7.22 -3.40 -16.32
CA ALA C 9 -7.31 -4.45 -15.30
C ALA C 9 -8.23 -4.02 -14.17
N LEU C 10 -8.21 -2.74 -13.80
CA LEU C 10 -9.12 -2.24 -12.78
C LEU C 10 -10.57 -2.32 -13.24
N GLU C 11 -10.81 -2.15 -14.54
CA GLU C 11 -12.16 -2.28 -15.07
C GLU C 11 -12.68 -3.70 -14.92
N ALA C 12 -11.84 -4.70 -15.25
CA ALA C 12 -12.25 -6.09 -15.06
C ALA C 12 -12.47 -6.41 -13.59
N LEU C 13 -11.66 -5.81 -12.71
CA LEU C 13 -11.83 -6.01 -11.27
C LEU C 13 -13.20 -5.51 -10.82
N LYS C 14 -13.55 -4.28 -11.19
CA LYS C 14 -14.83 -3.71 -10.78
C LYS C 14 -16.01 -4.50 -11.33
N GLU C 15 -15.81 -5.31 -12.36
CA GLU C 15 -16.87 -6.11 -12.96
C GLU C 15 -16.89 -7.54 -12.44
N GLY C 16 -16.14 -7.84 -11.38
CA GLY C 16 -16.14 -9.16 -10.78
C GLY C 16 -15.18 -10.15 -11.39
N LYS C 17 -14.32 -9.72 -12.30
CA LYS C 17 -13.37 -10.62 -12.94
C LYS C 17 -12.08 -10.71 -12.12
N LYS C 18 -11.27 -11.71 -12.48
CA LYS C 18 -9.95 -11.90 -11.87
C LYS C 18 -8.88 -11.41 -12.84
N VAL C 19 -7.85 -10.76 -12.29
CA VAL C 19 -6.76 -10.23 -13.11
C VAL C 19 -5.44 -10.72 -12.53
N SER C 20 -4.42 -10.75 -13.38
CA SER C 20 -3.10 -11.20 -12.97
C SER C 20 -2.07 -10.63 -13.93
N ARG C 21 -0.84 -10.50 -13.44
CA ARG C 21 0.29 -10.10 -14.27
C ARG C 21 0.93 -11.31 -14.91
N GLU C 22 1.79 -11.06 -15.89
CA GLU C 22 2.42 -12.14 -16.64
C GLU C 22 3.22 -13.06 -15.74
N GLY C 23 3.97 -12.49 -14.80
CA GLY C 23 4.79 -13.29 -13.90
C GLY C 23 4.03 -14.07 -12.86
N TRP C 24 2.70 -13.93 -12.79
CA TRP C 24 1.93 -14.61 -11.75
C TRP C 24 1.38 -15.96 -12.19
N ASN C 25 1.26 -16.19 -13.49
CA ASN C 25 0.77 -17.48 -13.98
C ASN C 25 1.79 -18.57 -13.67
N GLY C 26 1.31 -19.71 -13.15
CA GLY C 26 2.15 -20.73 -12.58
C GLY C 26 2.30 -20.62 -11.08
N LYS C 27 2.22 -19.39 -10.54
CA LYS C 27 2.20 -19.16 -9.11
C LYS C 27 0.79 -19.17 -8.53
N GLY C 28 -0.23 -19.32 -9.39
CA GLY C 28 -1.60 -19.35 -8.91
C GLY C 28 -2.11 -18.04 -8.36
N MET C 29 -1.48 -16.92 -8.70
CA MET C 29 -1.82 -15.63 -8.15
C MET C 29 -2.81 -14.89 -9.04
N PHE C 30 -3.81 -14.28 -8.42
CA PHE C 30 -4.73 -13.39 -9.11
C PHE C 30 -5.37 -12.48 -8.08
N ALA C 31 -5.83 -11.32 -8.56
CA ALA C 31 -6.51 -10.34 -7.73
C ALA C 31 -7.99 -10.30 -8.08
N TYR C 32 -8.82 -9.96 -7.10
CA TYR C 32 -10.24 -9.82 -7.33
C TYR C 32 -10.79 -8.74 -6.41
N TYR C 33 -12.02 -8.31 -6.71
CA TYR C 33 -12.66 -7.18 -6.06
C TYR C 33 -13.72 -7.68 -5.09
N VAL C 34 -13.74 -7.09 -3.90
CA VAL C 34 -14.70 -7.43 -2.85
C VAL C 34 -15.53 -6.19 -2.56
N PRO C 35 -16.86 -6.24 -2.71
CA PRO C 35 -17.69 -5.06 -2.45
C PRO C 35 -17.66 -4.66 -0.99
N GLY C 36 -17.99 -3.40 -0.75
CA GLY C 36 -18.12 -2.91 0.61
C GLY C 36 -19.38 -3.42 1.29
N GLY C 37 -19.49 -3.14 2.58
CA GLY C 37 -20.64 -3.60 3.33
C GLY C 37 -20.80 -2.84 4.63
N VAL C 38 -21.87 -3.18 5.34
CA VAL C 38 -22.18 -2.61 6.65
C VAL C 38 -22.33 -3.77 7.63
N TYR C 39 -21.62 -3.68 8.76
CA TYR C 39 -21.61 -4.72 9.77
C TYR C 39 -22.06 -4.14 11.11
N LYS C 40 -22.83 -4.92 11.85
CA LYS C 40 -23.43 -4.46 13.10
C LYS C 40 -22.46 -4.70 14.26
N SER C 41 -22.29 -3.68 15.10
CA SER C 41 -21.40 -3.79 16.25
C SER C 41 -22.08 -4.59 17.35
N GLN C 42 -21.30 -5.48 17.98
CA GLN C 42 -21.81 -6.31 19.07
C GLN C 42 -21.33 -5.82 20.43
N THR C 43 -20.02 -5.74 20.63
CA THR C 43 -19.46 -5.37 21.91
C THR C 43 -19.61 -3.87 22.17
N ASP C 44 -19.89 -3.52 23.43
CA ASP C 44 -19.95 -2.11 23.82
C ASP C 44 -18.64 -1.41 23.53
N VAL C 45 -17.51 -2.12 23.62
CA VAL C 45 -16.22 -1.52 23.29
C VAL C 45 -16.15 -1.20 21.81
N ILE C 46 -16.79 -2.02 20.95
CA ILE C 46 -16.84 -1.71 19.54
C ILE C 46 -17.78 -0.54 19.28
N LYS C 47 -18.91 -0.51 19.98
CA LYS C 47 -19.85 0.61 19.82
C LYS C 47 -19.27 1.91 20.35
N ASN C 48 -18.46 1.85 21.40
CA ASN C 48 -17.87 3.06 21.97
C ASN C 48 -16.76 3.63 21.11
N THR C 49 -16.28 2.89 20.11
CA THR C 49 -15.24 3.37 19.21
C THR C 49 -15.73 3.54 17.78
N PHE C 50 -16.47 2.56 17.24
CA PHE C 50 -16.94 2.63 15.87
C PHE C 50 -18.40 3.07 15.76
N GLY C 51 -19.20 2.91 16.81
CA GLY C 51 -20.61 3.23 16.75
C GLY C 51 -21.47 1.98 16.68
N GLU C 52 -22.77 2.22 16.51
CA GLU C 52 -23.72 1.10 16.44
C GLU C 52 -23.48 0.25 15.21
N GLU C 53 -23.11 0.87 14.09
CA GLU C 53 -22.77 0.15 12.87
C GLU C 53 -21.42 0.63 12.36
N VAL C 54 -20.76 -0.23 11.60
CA VAL C 54 -19.47 0.08 10.99
C VAL C 54 -19.56 -0.24 9.50
N LYS C 55 -19.26 0.75 8.67
CA LYS C 55 -19.30 0.59 7.23
C LYS C 55 -17.89 0.35 6.70
N TYR C 56 -17.74 -0.70 5.90
CA TYR C 56 -16.46 -1.03 5.28
C TYR C 56 -16.48 -0.61 3.82
N ARG C 57 -15.37 -0.03 3.37
CA ARG C 57 -15.23 0.35 1.98
C ARG C 57 -14.93 -0.87 1.11
N PRO C 58 -15.18 -0.79 -0.19
CA PRO C 58 -14.72 -1.84 -1.09
C PRO C 58 -13.21 -1.94 -1.06
N TYR C 59 -12.69 -3.15 -1.31
CA TYR C 59 -11.26 -3.39 -1.27
C TYR C 59 -10.91 -4.48 -2.26
N LEU C 60 -9.62 -4.79 -2.34
CA LEU C 60 -9.09 -5.79 -3.26
C LEU C 60 -8.43 -6.92 -2.47
N ALA C 61 -8.57 -8.14 -2.98
CA ALA C 61 -7.94 -9.31 -2.39
C ALA C 61 -7.00 -9.95 -3.39
N LEU C 62 -5.99 -10.64 -2.88
CA LEU C 62 -4.98 -11.27 -3.73
C LEU C 62 -4.68 -12.66 -3.18
N LYS C 63 -4.93 -13.68 -3.99
CA LYS C 63 -4.53 -15.03 -3.65
C LYS C 63 -3.04 -15.20 -3.90
N THR C 64 -2.28 -15.48 -2.85
CA THR C 64 -0.84 -15.58 -2.96
C THR C 64 -0.43 -16.98 -3.42
N VAL C 65 0.88 -17.22 -3.44
CA VAL C 65 1.40 -18.50 -3.89
C VAL C 65 1.06 -19.63 -2.91
N ASP C 66 0.77 -19.31 -1.66
CA ASP C 66 0.47 -20.30 -0.64
C ASP C 66 -1.03 -20.57 -0.51
N ASN C 67 -1.82 -20.17 -1.50
CA ASN C 67 -3.28 -20.34 -1.49
C ASN C 67 -3.92 -19.66 -0.28
N ASP C 68 -3.30 -18.60 0.23
CA ASP C 68 -3.89 -17.77 1.27
C ASP C 68 -4.19 -16.39 0.72
N ILE C 69 -5.17 -15.73 1.34
CA ILE C 69 -5.72 -14.48 0.82
C ILE C 69 -5.14 -13.31 1.59
N ALA C 70 -4.64 -12.32 0.85
CA ALA C 70 -4.16 -11.07 1.43
C ALA C 70 -5.03 -9.92 0.92
N THR C 71 -5.42 -9.03 1.84
CA THR C 71 -6.12 -7.82 1.46
C THR C 71 -5.09 -6.88 0.84
N TRP C 72 -5.20 -6.66 -0.46
CA TRP C 72 -4.09 -6.24 -1.29
C TRP C 72 -4.14 -4.75 -1.60
N THR C 73 -2.98 -4.10 -1.49
CA THR C 73 -2.77 -2.76 -2.00
C THR C 73 -1.73 -2.84 -3.12
N PRO C 74 -2.11 -2.58 -4.37
CA PRO C 74 -1.13 -2.70 -5.47
C PRO C 74 0.05 -1.77 -5.28
N SER C 75 1.23 -2.25 -5.66
CA SER C 75 2.44 -1.45 -5.62
C SER C 75 2.53 -0.56 -6.86
N VAL C 76 3.49 0.36 -6.83
CA VAL C 76 3.67 1.28 -7.96
C VAL C 76 4.06 0.53 -9.22
N SER C 77 4.91 -0.49 -9.07
CA SER C 77 5.28 -1.30 -10.24
C SER C 77 4.08 -2.04 -10.81
N ASP C 78 3.16 -2.48 -9.95
CA ASP C 78 1.94 -3.12 -10.45
C ASP C 78 1.05 -2.10 -11.15
N ILE C 79 0.98 -0.88 -10.63
CA ILE C 79 0.13 0.14 -11.23
C ILE C 79 0.70 0.61 -12.57
N LEU C 80 2.03 0.71 -12.67
CA LEU C 80 2.67 1.15 -13.89
C LEU C 80 2.89 0.03 -14.89
N ALA C 81 2.67 -1.22 -14.50
CA ALA C 81 2.89 -2.35 -15.41
C ALA C 81 1.80 -2.40 -16.47
N GLU C 82 2.16 -2.96 -17.63
CA GLU C 82 1.25 -3.12 -18.75
C GLU C 82 1.22 -4.57 -19.22
N ASP C 83 1.27 -5.50 -18.27
CA ASP C 83 1.29 -6.93 -18.56
C ASP C 83 0.14 -7.66 -17.86
N TRP C 84 -0.98 -6.99 -17.68
CA TRP C 84 -2.13 -7.57 -17.02
C TRP C 84 -2.97 -8.37 -18.00
N ASN C 85 -3.69 -9.37 -17.46
CA ASN C 85 -4.54 -10.24 -18.25
C ASN C 85 -5.77 -10.62 -17.44
N ILE C 86 -6.91 -10.73 -18.11
CA ILE C 86 -8.10 -11.31 -17.48
C ILE C 86 -7.93 -12.82 -17.42
N VAL C 87 -7.97 -13.38 -16.21
CA VAL C 87 -7.77 -14.80 -15.99
C VAL C 87 -9.13 -15.44 -15.72
N GLU C 88 -9.40 -16.56 -16.38
CA GLU C 88 -10.65 -17.28 -16.22
C GLU C 88 -10.62 -18.16 -14.98
N SER D 3 -14.71 14.54 -13.21
CA SER D 3 -14.74 13.32 -12.40
C SER D 3 -14.27 12.11 -13.23
N LEU D 4 -13.01 11.74 -13.06
CA LEU D 4 -12.40 10.64 -13.78
C LEU D 4 -12.14 9.48 -12.82
N ASN D 5 -12.03 8.27 -13.39
CA ASN D 5 -11.60 7.12 -12.62
C ASN D 5 -10.07 7.06 -12.61
N PHE D 6 -9.53 6.06 -11.92
CA PHE D 6 -8.07 5.98 -11.78
C PHE D 6 -7.40 5.58 -13.09
N GLY D 7 -8.12 4.86 -13.96
CA GLY D 7 -7.53 4.46 -15.22
C GLY D 7 -7.17 5.65 -16.11
N LYS D 8 -8.10 6.60 -16.23
CA LYS D 8 -7.82 7.81 -17.02
C LYS D 8 -6.87 8.74 -16.29
N ALA D 9 -6.92 8.77 -14.96
CA ALA D 9 -5.93 9.52 -14.20
C ALA D 9 -4.54 8.91 -14.36
N LEU D 10 -4.46 7.59 -14.55
CA LEU D 10 -3.17 6.95 -14.78
C LEU D 10 -2.63 7.29 -16.16
N GLU D 11 -3.50 7.34 -17.17
CA GLU D 11 -3.07 7.78 -18.50
C GLU D 11 -2.58 9.22 -18.46
N ALA D 12 -3.28 10.08 -17.72
CA ALA D 12 -2.82 11.46 -17.59
C ALA D 12 -1.45 11.53 -16.93
N LEU D 13 -1.22 10.69 -15.91
CA LEU D 13 0.09 10.65 -15.28
C LEU D 13 1.16 10.22 -16.26
N LYS D 14 0.91 9.14 -17.01
CA LYS D 14 1.90 8.64 -17.96
C LYS D 14 2.16 9.63 -19.09
N GLU D 15 1.28 10.60 -19.32
CA GLU D 15 1.50 11.64 -20.31
C GLU D 15 2.16 12.87 -19.74
N GLY D 16 2.51 12.87 -18.45
CA GLY D 16 3.16 14.00 -17.83
C GLY D 16 2.23 15.00 -17.18
N LYS D 17 0.93 14.70 -17.11
CA LYS D 17 -0.01 15.63 -16.50
C LYS D 17 -0.05 15.45 -14.99
N LYS D 18 -0.61 16.45 -14.31
CA LYS D 18 -0.83 16.40 -12.88
C LYS D 18 -2.28 16.02 -12.59
N VAL D 19 -2.48 15.20 -11.55
CA VAL D 19 -3.81 14.74 -11.17
C VAL D 19 -4.01 14.96 -9.68
N SER D 20 -5.28 15.03 -9.28
CA SER D 20 -5.63 15.19 -7.88
C SER D 20 -7.00 14.58 -7.64
N ARG D 21 -7.31 14.35 -6.37
CA ARG D 21 -8.60 13.81 -5.96
C ARG D 21 -9.37 14.83 -5.16
N GLU D 22 -10.68 14.90 -5.40
CA GLU D 22 -11.54 15.78 -4.61
C GLU D 22 -11.65 15.30 -3.18
N GLY D 23 -11.58 13.98 -2.96
CA GLY D 23 -11.64 13.44 -1.61
C GLY D 23 -10.38 13.64 -0.80
N TRP D 24 -9.30 14.12 -1.41
CA TRP D 24 -8.06 14.37 -0.68
C TRP D 24 -8.19 15.53 0.31
N ASN D 25 -9.17 16.42 0.10
CA ASN D 25 -9.39 17.57 0.98
C ASN D 25 -8.12 18.43 1.10
N GLY D 26 -7.41 18.58 -0.01
CA GLY D 26 -6.19 19.37 -0.03
C GLY D 26 -5.94 20.02 -1.36
N LYS D 27 -6.47 21.22 -1.55
CA LYS D 27 -6.27 21.94 -2.80
C LYS D 27 -4.82 22.39 -2.91
N GLY D 28 -4.22 22.16 -4.08
CA GLY D 28 -2.80 22.32 -4.29
C GLY D 28 -2.05 21.00 -4.35
N MET D 29 -2.54 19.98 -3.66
CA MET D 29 -1.96 18.65 -3.76
C MET D 29 -2.18 18.09 -5.16
N PHE D 30 -1.11 17.57 -5.76
CA PHE D 30 -1.24 16.86 -7.02
C PHE D 30 -0.16 15.79 -7.09
N ALA D 31 -0.48 14.71 -7.78
CA ALA D 31 0.47 13.65 -8.06
C ALA D 31 1.00 13.77 -9.48
N TYR D 32 2.24 13.32 -9.68
CA TYR D 32 2.82 13.35 -11.00
C TYR D 32 3.76 12.16 -11.17
N TYR D 33 4.06 11.87 -12.43
CA TYR D 33 4.82 10.68 -12.81
C TYR D 33 6.25 11.08 -13.16
N VAL D 34 7.22 10.40 -12.54
CA VAL D 34 8.62 10.63 -12.77
C VAL D 34 9.15 9.47 -13.62
N PRO D 35 9.59 9.72 -14.86
CA PRO D 35 10.08 8.63 -15.70
C PRO D 35 11.40 8.07 -15.19
N GLY D 36 11.67 6.82 -15.57
CA GLY D 36 12.91 6.18 -15.21
C GLY D 36 14.06 6.61 -16.09
N GLY D 37 15.28 6.39 -15.59
CA GLY D 37 16.44 6.82 -16.32
C GLY D 37 17.69 6.11 -15.82
N VAL D 38 18.77 6.29 -16.58
CA VAL D 38 20.07 5.71 -16.27
C VAL D 38 20.96 6.83 -15.73
N TYR D 39 21.53 6.62 -14.55
CA TYR D 39 22.32 7.62 -13.85
C TYR D 39 23.68 7.05 -13.43
N GLU D 52 28.93 0.77 -14.46
CA GLU D 52 29.20 1.94 -13.64
C GLU D 52 28.07 2.96 -13.72
N GLU D 53 27.02 2.59 -14.44
CA GLU D 53 25.81 3.40 -14.55
C GLU D 53 24.67 2.68 -13.84
N VAL D 54 23.83 3.46 -13.16
CA VAL D 54 22.71 2.94 -12.40
C VAL D 54 21.42 3.35 -13.10
N LYS D 55 20.56 2.36 -13.35
CA LYS D 55 19.27 2.58 -13.98
C LYS D 55 18.19 2.66 -12.90
N TYR D 56 17.40 3.73 -12.93
CA TYR D 56 16.34 3.95 -11.97
C TYR D 56 14.98 3.63 -12.59
N ARG D 57 14.13 2.99 -11.81
CA ARG D 57 12.77 2.69 -12.26
C ARG D 57 11.89 3.93 -12.15
N PRO D 58 10.85 4.02 -12.98
CA PRO D 58 9.87 5.10 -12.82
C PRO D 58 9.10 4.96 -11.52
N TYR D 59 8.54 6.07 -11.06
CA TYR D 59 7.78 6.08 -9.83
C TYR D 59 6.81 7.26 -9.85
N LEU D 60 5.95 7.30 -8.84
CA LEU D 60 4.97 8.35 -8.67
C LEU D 60 5.36 9.25 -7.50
N ALA D 61 5.05 10.53 -7.63
CA ALA D 61 5.39 11.52 -6.63
C ALA D 61 4.15 12.35 -6.29
N LEU D 62 4.24 13.09 -5.19
CA LEU D 62 3.14 13.92 -4.72
C LEU D 62 3.69 15.22 -4.16
N LYS D 63 3.19 16.35 -4.66
CA LYS D 63 3.47 17.65 -4.08
C LYS D 63 2.45 17.88 -2.96
N THR D 64 2.93 17.84 -1.72
CA THR D 64 2.05 17.79 -0.55
C THR D 64 1.49 19.17 -0.22
N VAL D 65 0.78 19.27 0.90
CA VAL D 65 0.29 20.57 1.36
C VAL D 65 1.45 21.39 1.93
N ASP D 66 2.49 20.72 2.41
CA ASP D 66 3.69 21.40 2.90
C ASP D 66 4.61 21.84 1.77
N ASN D 67 4.14 21.79 0.52
CA ASN D 67 4.84 22.24 -0.68
C ASN D 67 6.08 21.39 -0.98
N ASP D 68 6.31 20.33 -0.23
CA ASP D 68 7.47 19.46 -0.47
C ASP D 68 7.07 18.26 -1.30
N ILE D 69 8.08 17.57 -1.82
CA ILE D 69 7.91 16.41 -2.69
C ILE D 69 8.03 15.14 -1.86
N ALA D 70 7.10 14.23 -2.03
CA ALA D 70 7.11 12.95 -1.34
C ALA D 70 6.83 11.83 -2.33
N THR D 71 7.46 10.68 -2.10
CA THR D 71 7.18 9.49 -2.89
C THR D 71 5.76 9.00 -2.58
N TRP D 72 4.98 8.78 -3.62
CA TRP D 72 3.56 8.49 -3.47
C TRP D 72 3.23 7.08 -3.93
N THR D 73 2.42 6.39 -3.14
CA THR D 73 1.87 5.10 -3.49
C THR D 73 0.35 5.19 -3.34
N PRO D 74 -0.41 4.99 -4.40
CA PRO D 74 -1.87 5.10 -4.28
C PRO D 74 -2.45 4.06 -3.35
N SER D 75 -3.42 4.48 -2.54
CA SER D 75 -4.13 3.55 -1.68
C SER D 75 -5.24 2.86 -2.46
N VAL D 76 -5.87 1.88 -1.82
CA VAL D 76 -6.99 1.18 -2.44
C VAL D 76 -8.15 2.13 -2.70
N SER D 77 -8.39 3.06 -1.76
CA SER D 77 -9.43 4.05 -1.96
C SER D 77 -9.12 4.95 -3.16
N ASP D 78 -7.85 5.36 -3.30
CA ASP D 78 -7.47 6.17 -4.46
C ASP D 78 -7.69 5.40 -5.75
N ILE D 79 -7.39 4.11 -5.75
CA ILE D 79 -7.54 3.30 -6.96
C ILE D 79 -9.00 3.13 -7.33
N LEU D 80 -9.87 2.94 -6.33
CA LEU D 80 -11.29 2.75 -6.57
C LEU D 80 -12.07 4.05 -6.71
N ALA D 81 -11.45 5.18 -6.39
CA ALA D 81 -12.17 6.45 -6.45
C ALA D 81 -12.42 6.87 -7.88
N GLU D 82 -13.52 7.60 -8.08
CA GLU D 82 -13.88 8.12 -9.39
C GLU D 82 -14.08 9.64 -9.34
N ASP D 83 -13.32 10.31 -8.49
CA ASP D 83 -13.38 11.76 -8.36
C ASP D 83 -12.06 12.42 -8.74
N TRP D 84 -11.35 11.81 -9.71
CA TRP D 84 -10.07 12.34 -10.15
C TRP D 84 -10.27 13.52 -11.10
N ASN D 85 -9.29 14.43 -11.09
CA ASN D 85 -9.31 15.58 -11.96
C ASN D 85 -7.88 15.91 -12.38
N ILE D 86 -7.75 16.47 -13.58
CA ILE D 86 -6.47 16.94 -14.08
C ILE D 86 -6.31 18.40 -13.70
N VAL D 87 -5.21 18.72 -13.04
CA VAL D 87 -4.92 20.09 -12.58
C VAL D 87 -3.83 20.67 -13.46
N GLU D 88 -3.94 21.97 -13.75
CA GLU D 88 -2.97 22.67 -14.60
C GLU D 88 -1.62 22.80 -13.89
#